data_2ZIF
#
_entry.id   2ZIF
#
_cell.length_a   63.900
_cell.length_b   58.636
_cell.length_c   81.224
_cell.angle_alpha   90.000
_cell.angle_beta   106.060
_cell.angle_gamma   90.000
#
_symmetry.space_group_name_H-M   'P 1 21 1'
#
loop_
_entity.id
_entity.type
_entity.pdbx_description
1 polymer 'Putative modification methylase'
2 non-polymer S-ADENOSYLMETHIONINE
3 water water
#
_entity_poly.entity_id   1
_entity_poly.type   'polypeptide(L)'
_entity_poly.pdbx_seq_one_letter_code
;MRSFPKAKEAFSEGEKVSFGVHRLHVGDAREVLASFPEASVHLVVTSPPYWTLKRYEDTPGQLGHIEDYEAFLDELDRVW
REVFRLLVPGGRLVIVVGDVAVARRRFGRHLVFPLHADIQVRCRKLGFDNLNPIIWHKHTNASLEVEGRGVFLGKPYEPG
AIIKTEIEYILMQRKPGGYRKPTQEQREKSRLPKEDFHRFFRQIWDDIPGESTKDHPAPFPLELAERLVRMFSFVGDVVL
DPFAGTGTTLIAAARWGRRALGVELVPRYAQLAKERFAREVPGFSLEVLDGATHPRR
;
_entity_poly.pdbx_strand_id   A,B
#
# COMPACT_ATOMS: atom_id res chain seq x y z
N VAL A 21 35.62 3.54 -7.22
CA VAL A 21 35.87 2.15 -6.76
C VAL A 21 34.56 1.53 -6.26
N HIS A 22 34.11 0.47 -6.93
CA HIS A 22 32.89 -0.21 -6.54
C HIS A 22 33.20 -1.11 -5.35
N ARG A 23 32.54 -0.84 -4.22
CA ARG A 23 32.76 -1.59 -2.99
C ARG A 23 31.58 -2.41 -2.49
N LEU A 24 31.91 -3.52 -1.83
CA LEU A 24 30.94 -4.42 -1.22
C LEU A 24 31.57 -4.91 0.08
N HIS A 25 31.03 -4.45 1.20
CA HIS A 25 31.56 -4.84 2.50
C HIS A 25 30.78 -6.00 3.09
N VAL A 26 31.52 -6.95 3.67
CA VAL A 26 30.92 -8.13 4.30
C VAL A 26 30.75 -7.86 5.79
N GLY A 27 29.52 -7.99 6.27
CA GLY A 27 29.24 -7.75 7.67
C GLY A 27 27.78 -7.37 7.85
N ASP A 28 27.40 -7.12 9.09
CA ASP A 28 26.03 -6.74 9.42
C ASP A 28 25.77 -5.31 8.94
N ALA A 29 24.75 -5.14 8.10
CA ALA A 29 24.40 -3.84 7.54
C ALA A 29 24.31 -2.75 8.60
N ARG A 30 23.77 -3.10 9.76
CA ARG A 30 23.63 -2.13 10.84
C ARG A 30 24.99 -1.66 11.36
N GLU A 31 25.93 -2.59 11.48
CA GLU A 31 27.26 -2.24 11.96
C GLU A 31 28.08 -1.52 10.90
N VAL A 32 28.12 -2.09 9.70
CA VAL A 32 28.89 -1.49 8.62
C VAL A 32 28.46 -0.06 8.30
N LEU A 33 27.18 0.15 8.04
CA LEU A 33 26.70 1.49 7.72
C LEU A 33 27.08 2.48 8.82
N ALA A 34 27.18 1.97 10.04
CA ALA A 34 27.53 2.79 11.19
C ALA A 34 28.93 3.38 11.09
N SER A 35 29.79 2.80 10.24
CA SER A 35 31.15 3.28 10.10
C SER A 35 31.32 4.17 8.87
N PHE A 36 30.22 4.53 8.24
CA PHE A 36 30.27 5.39 7.05
C PHE A 36 29.92 6.82 7.43
N PRO A 37 30.51 7.79 6.73
CA PRO A 37 30.28 9.22 6.98
C PRO A 37 28.91 9.71 6.54
N GLU A 38 28.34 10.58 7.36
CA GLU A 38 27.04 11.16 7.07
C GLU A 38 27.05 11.79 5.67
N ALA A 39 25.87 11.87 5.06
CA ALA A 39 25.69 12.48 3.75
C ALA A 39 26.76 12.14 2.70
N SER A 40 27.03 10.85 2.50
CA SER A 40 28.02 10.43 1.52
C SER A 40 27.39 9.52 0.48
N VAL A 41 26.10 9.26 0.65
CA VAL A 41 25.36 8.38 -0.24
C VAL A 41 24.21 9.16 -0.89
N HIS A 42 24.05 8.98 -2.20
CA HIS A 42 23.01 9.70 -2.94
C HIS A 42 21.72 8.89 -3.10
N LEU A 43 21.86 7.58 -3.27
CA LEU A 43 20.68 6.76 -3.49
C LEU A 43 20.79 5.37 -2.88
N VAL A 44 19.67 4.91 -2.31
CA VAL A 44 19.62 3.56 -1.76
C VAL A 44 18.50 2.79 -2.46
N VAL A 45 18.88 1.71 -3.13
CA VAL A 45 17.93 0.82 -3.79
C VAL A 45 18.19 -0.52 -3.14
N THR A 46 17.18 -1.10 -2.52
CA THR A 46 17.38 -2.37 -1.84
C THR A 46 16.12 -3.21 -1.62
N SER A 47 16.33 -4.43 -1.14
CA SER A 47 15.26 -5.36 -0.82
C SER A 47 15.56 -5.94 0.57
N PRO A 48 14.70 -5.65 1.54
CA PRO A 48 14.91 -6.16 2.91
C PRO A 48 15.03 -7.69 2.95
N PRO A 49 15.89 -8.21 3.85
CA PRO A 49 16.06 -9.65 3.96
C PRO A 49 14.75 -10.40 4.22
N TYR A 50 14.75 -11.66 3.83
CA TYR A 50 13.61 -12.56 3.98
C TYR A 50 13.21 -12.72 5.44
N TRP A 51 11.90 -12.70 5.69
CA TRP A 51 11.38 -12.88 7.03
C TRP A 51 10.30 -13.95 7.03
N THR A 52 10.49 -14.99 7.83
CA THR A 52 9.52 -16.07 7.92
C THR A 52 9.29 -16.42 9.39
N LEU A 53 8.10 -16.95 9.68
CA LEU A 53 7.74 -17.32 11.05
C LEU A 53 8.43 -18.61 11.47
N PRO A 60 -0.92 -23.62 18.00
CA PRO A 60 -0.33 -22.90 19.14
C PRO A 60 0.31 -21.58 18.70
N GLY A 61 -0.17 -20.48 19.29
CA GLY A 61 0.36 -19.18 18.97
C GLY A 61 -0.73 -18.14 18.82
N GLN A 62 -0.73 -17.14 19.69
CA GLN A 62 -1.73 -16.08 19.64
C GLN A 62 -1.14 -14.84 19.00
N LEU A 63 -0.30 -14.12 19.74
CA LEU A 63 0.34 -12.92 19.21
C LEU A 63 1.84 -13.14 19.04
N GLY A 64 2.29 -14.37 19.26
CA GLY A 64 3.70 -14.69 19.13
C GLY A 64 4.30 -14.32 17.77
N HIS A 65 3.51 -14.49 16.71
CA HIS A 65 3.94 -14.18 15.36
C HIS A 65 4.17 -12.68 15.11
N ILE A 66 3.18 -11.85 15.46
CA ILE A 66 3.32 -10.40 15.26
C ILE A 66 4.43 -9.80 16.12
N GLU A 67 4.78 -10.50 17.20
CA GLU A 67 5.84 -10.02 18.08
C GLU A 67 7.19 -10.19 17.38
N ASP A 68 7.34 -11.29 16.66
CA ASP A 68 8.56 -11.57 15.92
C ASP A 68 8.56 -10.64 14.73
N TYR A 69 7.38 -10.44 14.17
CA TYR A 69 7.19 -9.58 13.03
C TYR A 69 7.68 -8.17 13.37
N GLU A 70 7.17 -7.62 14.47
CA GLU A 70 7.56 -6.28 14.87
C GLU A 70 8.99 -6.22 15.40
N ALA A 71 9.57 -7.37 15.69
CA ALA A 71 10.95 -7.42 16.17
C ALA A 71 11.83 -7.28 14.93
N PHE A 72 11.31 -7.77 13.80
CA PHE A 72 11.97 -7.72 12.50
C PHE A 72 12.03 -6.25 12.09
N LEU A 73 10.86 -5.63 12.12
CA LEU A 73 10.75 -4.23 11.77
C LEU A 73 11.72 -3.40 12.60
N ASP A 74 11.86 -3.74 13.88
CA ASP A 74 12.77 -3.02 14.78
C ASP A 74 14.20 -3.13 14.27
N GLU A 75 14.55 -4.26 13.67
CA GLU A 75 15.91 -4.44 13.13
C GLU A 75 16.11 -3.70 11.81
N LEU A 76 15.04 -3.60 11.02
CA LEU A 76 15.09 -2.90 9.74
C LEU A 76 15.22 -1.40 10.01
N ASP A 77 14.47 -0.94 11.01
CA ASP A 77 14.49 0.45 11.41
C ASP A 77 15.90 0.91 11.73
N ARG A 78 16.69 0.01 12.29
CA ARG A 78 18.06 0.32 12.64
C ARG A 78 18.89 0.60 11.39
N VAL A 79 18.58 -0.12 10.31
CA VAL A 79 19.29 0.10 9.04
C VAL A 79 18.76 1.36 8.36
N TRP A 80 17.44 1.54 8.36
CA TRP A 80 16.84 2.73 7.75
C TRP A 80 17.38 3.98 8.44
N ARG A 81 17.55 3.90 9.75
CA ARG A 81 18.06 5.02 10.54
C ARG A 81 19.48 5.39 10.11
N GLU A 82 20.29 4.38 9.84
CA GLU A 82 21.67 4.63 9.39
C GLU A 82 21.64 5.18 7.97
N VAL A 83 20.69 4.70 7.17
CA VAL A 83 20.53 5.15 5.80
C VAL A 83 20.17 6.64 5.79
N PHE A 84 19.23 7.02 6.65
CA PHE A 84 18.82 8.42 6.74
C PHE A 84 20.01 9.32 7.09
N ARG A 85 21.02 8.74 7.74
CA ARG A 85 22.20 9.51 8.13
C ARG A 85 23.16 9.66 6.96
N LEU A 86 23.53 8.56 6.32
CA LEU A 86 24.46 8.64 5.20
C LEU A 86 23.88 9.15 3.90
N LEU A 87 22.60 9.46 3.88
CA LEU A 87 21.97 9.98 2.68
C LEU A 87 22.17 11.49 2.59
N VAL A 88 22.42 12.00 1.39
CA VAL A 88 22.59 13.44 1.19
C VAL A 88 21.19 14.03 1.25
N PRO A 89 21.08 15.30 1.63
CA PRO A 89 19.73 15.89 1.66
C PRO A 89 19.13 15.78 0.25
N GLY A 90 17.86 15.37 0.17
CA GLY A 90 17.25 15.23 -1.14
C GLY A 90 17.53 13.83 -1.64
N GLY A 91 18.31 13.10 -0.84
CA GLY A 91 18.64 11.73 -1.15
C GLY A 91 17.38 10.91 -0.99
N ARG A 92 17.41 9.68 -1.49
CA ARG A 92 16.25 8.84 -1.44
C ARG A 92 16.57 7.40 -1.06
N LEU A 93 15.66 6.79 -0.31
CA LEU A 93 15.78 5.41 0.11
C LEU A 93 14.67 4.64 -0.63
N VAL A 94 15.05 3.76 -1.55
CA VAL A 94 14.09 2.99 -2.32
C VAL A 94 14.09 1.54 -1.85
N ILE A 95 12.93 1.08 -1.40
CA ILE A 95 12.80 -0.27 -0.89
C ILE A 95 11.81 -1.09 -1.71
N VAL A 96 12.29 -2.20 -2.27
CA VAL A 96 11.44 -3.09 -3.05
C VAL A 96 10.96 -4.17 -2.09
N VAL A 97 9.66 -4.20 -1.81
CA VAL A 97 9.09 -5.16 -0.88
C VAL A 97 7.74 -5.71 -1.29
N GLY A 98 7.55 -7.00 -1.01
CA GLY A 98 6.28 -7.64 -1.28
C GLY A 98 5.73 -7.95 0.11
N ASP A 99 4.41 -8.01 0.27
CA ASP A 99 3.87 -8.32 1.59
C ASP A 99 3.87 -9.82 1.82
N VAL A 100 4.33 -10.22 3.01
CA VAL A 100 4.45 -11.61 3.43
C VAL A 100 3.15 -12.36 3.71
N ALA A 101 2.75 -13.25 2.81
CA ALA A 101 1.52 -14.01 2.99
C ALA A 101 1.75 -15.38 3.62
N VAL A 102 0.77 -15.83 4.42
CA VAL A 102 0.80 -17.13 5.09
C VAL A 102 -0.62 -17.72 5.16
N ALA A 103 -0.84 -18.81 4.45
CA ALA A 103 -2.16 -19.45 4.42
C ALA A 103 -2.28 -20.67 5.36
N ARG A 104 -2.94 -21.72 4.88
CA ARG A 104 -3.14 -22.94 5.66
C ARG A 104 -1.86 -23.41 6.36
N PHE A 107 -1.80 -21.49 12.93
CA PHE A 107 -2.83 -20.62 12.38
C PHE A 107 -2.94 -20.75 10.87
N GLY A 108 -3.49 -21.87 10.42
CA GLY A 108 -3.64 -22.11 8.99
C GLY A 108 -4.53 -21.05 8.36
N ARG A 109 -5.10 -20.18 9.19
CA ARG A 109 -5.97 -19.11 8.71
C ARG A 109 -5.14 -18.18 7.84
N HIS A 110 -5.55 -18.01 6.58
CA HIS A 110 -4.82 -17.14 5.66
C HIS A 110 -4.56 -15.77 6.28
N LEU A 111 -3.31 -15.33 6.18
CA LEU A 111 -2.94 -14.04 6.73
C LEU A 111 -1.78 -13.41 5.98
N VAL A 112 -1.89 -12.12 5.74
CA VAL A 112 -0.84 -11.39 5.04
C VAL A 112 -0.25 -10.32 5.95
N PHE A 113 1.06 -10.34 6.12
CA PHE A 113 1.74 -9.32 6.94
C PHE A 113 2.03 -8.15 6.00
N PRO A 114 1.44 -6.98 6.29
CA PRO A 114 1.63 -5.78 5.46
C PRO A 114 2.98 -5.11 5.69
N LEU A 115 4.04 -5.76 5.22
CA LEU A 115 5.40 -5.27 5.37
C LEU A 115 5.58 -3.86 4.78
N HIS A 116 5.17 -3.68 3.53
CA HIS A 116 5.33 -2.40 2.87
C HIS A 116 4.71 -1.27 3.69
N ALA A 117 3.55 -1.54 4.27
CA ALA A 117 2.85 -0.54 5.06
C ALA A 117 3.60 -0.21 6.36
N ASP A 118 4.05 -1.24 7.06
CA ASP A 118 4.78 -1.05 8.30
C ASP A 118 6.07 -0.27 8.07
N ILE A 119 6.78 -0.63 7.00
CA ILE A 119 8.02 0.05 6.69
C ILE A 119 7.75 1.53 6.39
N GLN A 120 6.65 1.81 5.70
CA GLN A 120 6.32 3.19 5.38
C GLN A 120 6.01 4.02 6.61
N VAL A 121 5.14 3.52 7.49
CA VAL A 121 4.78 4.27 8.69
C VAL A 121 5.98 4.45 9.60
N ARG A 122 6.84 3.44 9.68
CA ARG A 122 8.02 3.54 10.53
C ARG A 122 9.10 4.49 10.03
N CYS A 123 9.25 4.62 8.71
CA CYS A 123 10.25 5.53 8.17
C CYS A 123 9.89 6.99 8.47
N ARG A 124 8.60 7.27 8.56
CA ARG A 124 8.14 8.60 8.90
C ARG A 124 8.75 8.95 10.27
N LYS A 125 8.78 7.96 11.15
CA LYS A 125 9.35 8.16 12.49
C LYS A 125 10.84 8.47 12.40
N LEU A 126 11.54 7.86 11.46
CA LEU A 126 12.97 8.10 11.32
C LEU A 126 13.26 9.45 10.70
N GLY A 127 12.22 10.12 10.22
CA GLY A 127 12.40 11.42 9.62
C GLY A 127 12.28 11.52 8.10
N PHE A 128 11.99 10.40 7.44
CA PHE A 128 11.84 10.38 5.98
C PHE A 128 10.55 11.03 5.55
N ASP A 129 10.55 11.61 4.35
CA ASP A 129 9.35 12.18 3.77
C ASP A 129 8.84 11.02 2.92
N ASN A 130 7.57 10.68 3.01
CA ASN A 130 7.08 9.59 2.19
C ASN A 130 6.65 10.12 0.82
N LEU A 131 7.01 9.41 -0.24
CA LEU A 131 6.60 9.77 -1.59
C LEU A 131 5.70 8.63 -2.10
N ASN A 132 5.07 8.81 -3.25
CA ASN A 132 4.20 7.74 -3.78
C ASN A 132 5.06 6.57 -4.21
N PRO A 133 4.60 5.35 -3.95
CA PRO A 133 5.43 4.23 -4.37
C PRO A 133 5.01 3.79 -5.76
N ILE A 134 5.88 3.02 -6.40
CA ILE A 134 5.55 2.50 -7.70
C ILE A 134 5.15 1.05 -7.42
N ILE A 135 4.07 0.60 -8.04
CA ILE A 135 3.59 -0.77 -7.87
C ILE A 135 4.25 -1.69 -8.89
N TRP A 136 5.03 -2.65 -8.42
CA TRP A 136 5.64 -3.59 -9.36
C TRP A 136 4.70 -4.78 -9.55
N HIS A 137 4.09 -4.83 -10.73
CA HIS A 137 3.18 -5.91 -11.05
C HIS A 137 3.99 -7.09 -11.58
N LYS A 138 4.57 -7.86 -10.66
CA LYS A 138 5.39 -9.04 -10.96
C LYS A 138 4.68 -10.15 -11.70
N HIS A 139 3.59 -10.62 -11.13
CA HIS A 139 2.84 -11.74 -11.68
C HIS A 139 1.48 -11.43 -12.27
N THR A 140 1.38 -11.50 -13.58
CA THR A 140 0.09 -11.28 -14.22
C THR A 140 -0.59 -12.65 -14.16
N ASN A 141 -1.92 -12.67 -14.14
CA ASN A 141 -2.66 -13.92 -14.06
C ASN A 141 -2.61 -14.78 -15.33
N PRO A 156 -15.63 -23.43 -7.78
CA PRO A 156 -16.21 -22.91 -6.54
C PRO A 156 -16.18 -21.39 -6.50
N TYR A 157 -16.52 -20.76 -7.63
CA TYR A 157 -16.52 -19.30 -7.77
C TYR A 157 -17.50 -18.60 -6.83
N GLU A 158 -17.26 -18.73 -5.54
CA GLU A 158 -18.11 -18.13 -4.52
C GLU A 158 -17.41 -17.02 -3.74
N PRO A 159 -18.18 -16.03 -3.28
CA PRO A 159 -17.66 -14.91 -2.50
C PRO A 159 -16.65 -15.36 -1.44
N GLY A 160 -15.70 -14.48 -1.12
CA GLY A 160 -14.70 -14.78 -0.11
C GLY A 160 -13.37 -15.34 -0.56
N ALA A 161 -13.23 -15.67 -1.85
CA ALA A 161 -11.98 -16.22 -2.35
C ALA A 161 -10.78 -15.32 -2.03
N ILE A 162 -9.62 -15.94 -1.85
CA ILE A 162 -8.39 -15.20 -1.58
C ILE A 162 -7.77 -14.78 -2.91
N ILE A 163 -7.33 -13.54 -3.00
CA ILE A 163 -6.73 -13.08 -4.24
C ILE A 163 -5.22 -13.32 -4.13
N LYS A 164 -4.65 -14.00 -5.11
CA LYS A 164 -3.21 -14.28 -5.10
C LYS A 164 -2.40 -13.01 -5.19
N THR A 165 -1.18 -13.04 -4.64
CA THR A 165 -0.29 -11.89 -4.67
C THR A 165 0.30 -11.73 -6.07
N GLU A 166 0.17 -10.54 -6.65
CA GLU A 166 0.69 -10.29 -7.98
C GLU A 166 1.66 -9.13 -8.00
N ILE A 167 1.77 -8.45 -6.87
CA ILE A 167 2.60 -7.27 -6.82
C ILE A 167 3.59 -7.17 -5.68
N GLU A 168 4.58 -6.33 -5.89
CA GLU A 168 5.54 -6.00 -4.86
C GLU A 168 5.49 -4.48 -4.86
N TYR A 169 5.89 -3.87 -3.76
CA TYR A 169 5.85 -2.43 -3.65
C TYR A 169 7.24 -1.83 -3.75
N ILE A 170 7.34 -0.71 -4.45
CA ILE A 170 8.62 -0.03 -4.57
C ILE A 170 8.45 1.26 -3.78
N LEU A 171 8.80 1.20 -2.50
CA LEU A 171 8.67 2.34 -1.61
C LEU A 171 9.71 3.41 -1.90
N MET A 172 9.30 4.66 -1.69
CA MET A 172 10.17 5.82 -1.89
C MET A 172 10.15 6.68 -0.64
N GLN A 173 11.30 6.78 0.01
CA GLN A 173 11.40 7.59 1.23
C GLN A 173 12.50 8.61 1.02
N ARG A 174 12.11 9.87 1.05
CA ARG A 174 13.05 10.95 0.81
C ARG A 174 13.58 11.69 2.04
N LYS A 175 14.86 12.07 1.98
CA LYS A 175 15.44 12.85 3.06
C LYS A 175 15.27 14.30 2.66
N PRO A 176 14.56 15.09 3.47
CA PRO A 176 14.33 16.51 3.16
C PRO A 176 15.55 17.37 3.48
N GLY A 177 15.46 18.67 3.22
CA GLY A 177 16.58 19.54 3.53
C GLY A 177 17.14 20.40 2.41
N GLY A 178 16.89 20.02 1.16
CA GLY A 178 17.40 20.81 0.07
C GLY A 178 18.41 20.06 -0.79
N TYR A 179 17.90 19.44 -1.85
CA TYR A 179 18.71 18.66 -2.78
C TYR A 179 20.04 19.30 -3.20
N ARG A 180 20.99 18.44 -3.56
CA ARG A 180 22.31 18.85 -4.02
C ARG A 180 22.07 19.22 -5.48
N LYS A 181 23.09 19.78 -6.12
CA LYS A 181 22.96 20.14 -7.52
C LYS A 181 24.03 19.45 -8.35
N PRO A 182 23.61 18.66 -9.34
CA PRO A 182 24.61 17.97 -10.18
C PRO A 182 25.12 18.97 -11.21
N THR A 183 26.31 18.72 -11.76
CA THR A 183 26.86 19.59 -12.78
C THR A 183 26.06 19.47 -14.07
N GLN A 184 26.35 20.34 -15.04
CA GLN A 184 25.66 20.33 -16.31
C GLN A 184 25.99 19.06 -17.05
N GLU A 185 27.23 18.61 -16.91
CA GLU A 185 27.65 17.39 -17.58
C GLU A 185 26.89 16.21 -17.00
N GLN A 186 26.85 16.10 -15.67
CA GLN A 186 26.13 15.02 -15.01
C GLN A 186 24.68 14.99 -15.51
N ARG A 187 24.02 16.15 -15.47
CA ARG A 187 22.64 16.22 -15.92
C ARG A 187 22.49 15.71 -17.36
N GLU A 188 23.32 16.22 -18.27
CA GLU A 188 23.26 15.80 -19.67
C GLU A 188 23.44 14.31 -19.83
N LYS A 189 24.45 13.75 -19.16
CA LYS A 189 24.75 12.34 -19.25
C LYS A 189 23.77 11.43 -18.50
N SER A 190 22.88 12.03 -17.73
CA SER A 190 21.88 11.29 -16.96
C SER A 190 20.49 11.51 -17.53
N ARG A 191 20.41 12.30 -18.61
CA ARG A 191 19.14 12.56 -19.27
C ARG A 191 18.59 11.26 -19.81
N LEU A 192 17.29 11.07 -19.72
CA LEU A 192 16.69 9.85 -20.23
C LEU A 192 15.98 10.05 -21.56
N PRO A 193 16.15 9.11 -22.49
CA PRO A 193 15.46 9.26 -23.78
C PRO A 193 13.96 9.38 -23.45
N LYS A 194 13.24 10.16 -24.24
CA LYS A 194 11.81 10.36 -24.02
C LYS A 194 11.03 9.06 -23.74
N GLU A 195 11.21 8.07 -24.60
CA GLU A 195 10.49 6.82 -24.48
C GLU A 195 10.75 6.13 -23.13
N ASP A 196 12.01 6.13 -22.71
CA ASP A 196 12.36 5.52 -21.43
C ASP A 196 11.75 6.32 -20.28
N PHE A 197 11.79 7.64 -20.38
CA PHE A 197 11.23 8.50 -19.34
C PHE A 197 9.78 8.15 -19.07
N HIS A 198 8.96 8.14 -20.12
CA HIS A 198 7.54 7.87 -19.99
C HIS A 198 7.21 6.44 -19.61
N ARG A 199 8.17 5.54 -19.76
CA ARG A 199 7.96 4.17 -19.40
C ARG A 199 8.31 4.00 -17.91
N PHE A 200 9.35 4.70 -17.47
CA PHE A 200 9.82 4.62 -16.09
C PHE A 200 8.97 5.36 -15.06
N PHE A 201 8.73 6.64 -15.30
CA PHE A 201 7.95 7.43 -14.36
C PHE A 201 6.44 7.27 -14.46
N ARG A 202 5.95 6.15 -13.96
CA ARG A 202 4.53 5.86 -13.91
C ARG A 202 4.33 5.06 -12.63
N GLN A 203 3.13 5.09 -12.08
CA GLN A 203 2.92 4.41 -10.83
C GLN A 203 2.88 2.87 -10.88
N ILE A 204 2.65 2.31 -12.06
CA ILE A 204 2.62 0.85 -12.18
C ILE A 204 3.51 0.32 -13.30
N TRP A 205 4.40 -0.61 -12.95
CA TRP A 205 5.27 -1.24 -13.92
C TRP A 205 4.77 -2.65 -14.15
N ASP A 206 4.34 -2.93 -15.37
CA ASP A 206 3.83 -4.25 -15.70
C ASP A 206 4.64 -4.90 -16.81
N ASP A 207 5.80 -4.32 -17.10
CA ASP A 207 6.66 -4.82 -18.16
C ASP A 207 8.00 -5.40 -17.68
N ILE A 208 8.02 -5.94 -16.47
CA ILE A 208 9.23 -6.57 -15.93
C ILE A 208 8.83 -7.77 -15.10
N PRO A 209 8.61 -8.91 -15.75
CA PRO A 209 8.21 -10.17 -15.09
C PRO A 209 9.14 -10.61 -13.95
N PRO A 219 15.71 -12.50 -5.90
CA PRO A 219 16.31 -11.19 -6.15
C PRO A 219 15.56 -10.46 -7.27
N PHE A 220 15.38 -9.15 -7.14
CA PHE A 220 14.68 -8.43 -8.19
C PHE A 220 15.57 -8.38 -9.43
N PRO A 221 14.96 -8.21 -10.63
CA PRO A 221 15.69 -8.17 -11.89
C PRO A 221 16.63 -6.97 -12.03
N LEU A 222 17.72 -7.18 -12.76
CA LEU A 222 18.69 -6.13 -13.02
C LEU A 222 18.00 -4.94 -13.66
N GLU A 223 17.13 -5.23 -14.62
CA GLU A 223 16.43 -4.16 -15.32
C GLU A 223 15.61 -3.31 -14.37
N LEU A 224 15.09 -3.93 -13.31
CA LEU A 224 14.30 -3.20 -12.33
C LEU A 224 15.25 -2.24 -11.61
N ALA A 225 16.43 -2.74 -11.24
CA ALA A 225 17.42 -1.94 -10.54
C ALA A 225 18.00 -0.85 -11.43
N GLU A 226 18.25 -1.16 -12.70
CA GLU A 226 18.80 -0.18 -13.62
C GLU A 226 17.86 1.00 -13.78
N ARG A 227 16.55 0.74 -13.78
CA ARG A 227 15.58 1.81 -13.89
C ARG A 227 15.64 2.77 -12.70
N LEU A 228 15.60 2.21 -11.50
CA LEU A 228 15.63 3.02 -10.30
C LEU A 228 16.95 3.81 -10.21
N VAL A 229 18.06 3.17 -10.55
CA VAL A 229 19.33 3.87 -10.53
C VAL A 229 19.27 5.06 -11.49
N ARG A 230 18.73 4.84 -12.68
CA ARG A 230 18.64 5.90 -13.69
C ARG A 230 17.58 6.94 -13.39
N MET A 231 16.57 6.56 -12.62
CA MET A 231 15.51 7.50 -12.31
C MET A 231 15.84 8.42 -11.12
N PHE A 232 16.64 7.91 -10.21
CA PHE A 232 16.90 8.68 -8.99
C PHE A 232 18.33 8.90 -8.53
N SER A 233 19.24 9.07 -9.49
CA SER A 233 20.64 9.37 -9.20
C SER A 233 21.24 9.90 -10.50
N PHE A 234 22.41 10.50 -10.42
CA PHE A 234 23.10 11.03 -11.59
C PHE A 234 24.42 10.29 -11.75
N VAL A 235 24.98 10.29 -12.96
CA VAL A 235 26.26 9.63 -13.19
C VAL A 235 27.27 10.22 -12.20
N GLY A 236 28.03 9.36 -11.54
CA GLY A 236 29.00 9.80 -10.56
C GLY A 236 28.51 9.61 -9.14
N ASP A 237 27.20 9.50 -8.95
CA ASP A 237 26.62 9.33 -7.63
C ASP A 237 26.93 7.98 -7.00
N VAL A 238 26.81 7.93 -5.68
CA VAL A 238 27.07 6.70 -4.94
C VAL A 238 25.71 6.04 -4.70
N VAL A 239 25.60 4.78 -5.11
CA VAL A 239 24.37 4.04 -4.92
C VAL A 239 24.65 2.86 -3.98
N LEU A 240 23.99 2.90 -2.83
CA LEU A 240 24.17 1.88 -1.81
C LEU A 240 23.03 0.88 -1.70
N ASP A 241 23.40 -0.34 -1.33
CA ASP A 241 22.44 -1.41 -1.08
C ASP A 241 22.93 -2.14 0.16
N PRO A 242 22.29 -1.88 1.31
CA PRO A 242 22.63 -2.47 2.61
C PRO A 242 22.53 -4.00 2.62
N PHE A 243 21.74 -4.56 1.71
CA PHE A 243 21.53 -6.01 1.62
C PHE A 243 21.84 -6.47 0.20
N ALA A 244 23.11 -6.28 -0.19
CA ALA A 244 23.62 -6.60 -1.51
C ALA A 244 23.18 -7.88 -2.20
N GLY A 245 23.14 -8.99 -1.46
CA GLY A 245 22.75 -10.26 -2.07
C GLY A 245 23.74 -10.63 -3.16
N THR A 246 23.26 -10.90 -4.37
CA THR A 246 24.13 -11.26 -5.48
C THR A 246 24.62 -10.00 -6.20
N GLY A 247 24.41 -8.85 -5.55
CA GLY A 247 24.86 -7.58 -6.10
C GLY A 247 24.13 -7.03 -7.32
N THR A 248 22.82 -7.23 -7.37
CA THR A 248 22.02 -6.74 -8.49
C THR A 248 22.13 -5.23 -8.59
N THR A 249 21.93 -4.55 -7.48
CA THR A 249 22.00 -3.09 -7.45
C THR A 249 23.40 -2.58 -7.80
N LEU A 250 24.42 -3.23 -7.24
CA LEU A 250 25.79 -2.81 -7.51
C LEU A 250 26.07 -2.94 -9.00
N ILE A 251 25.58 -4.01 -9.60
CA ILE A 251 25.79 -4.22 -11.02
C ILE A 251 25.07 -3.14 -11.80
N ALA A 252 23.82 -2.90 -11.43
CA ALA A 252 23.01 -1.89 -12.08
C ALA A 252 23.68 -0.50 -11.97
N ALA A 253 24.15 -0.17 -10.77
CA ALA A 253 24.78 1.12 -10.55
C ALA A 253 26.06 1.26 -11.38
N ALA A 254 26.96 0.29 -11.22
CA ALA A 254 28.22 0.29 -11.94
C ALA A 254 28.00 0.38 -13.45
N ARG A 255 27.02 -0.37 -13.94
CA ARG A 255 26.71 -0.40 -15.36
C ARG A 255 26.33 0.96 -15.96
N TRP A 256 25.78 1.84 -15.13
CA TRP A 256 25.38 3.16 -15.60
C TRP A 256 26.20 4.35 -15.07
N GLY A 257 27.50 4.13 -14.86
CA GLY A 257 28.34 5.22 -14.41
C GLY A 257 28.17 5.75 -13.00
N ARG A 258 27.51 4.98 -12.14
CA ARG A 258 27.37 5.38 -10.77
C ARG A 258 28.35 4.54 -10.01
N ARG A 259 28.61 4.90 -8.75
CA ARG A 259 29.54 4.17 -7.91
C ARG A 259 28.72 3.24 -7.03
N ALA A 260 29.04 1.96 -7.07
CA ALA A 260 28.30 0.97 -6.29
C ALA A 260 28.91 0.78 -4.90
N LEU A 261 28.06 0.78 -3.88
CA LEU A 261 28.51 0.59 -2.51
C LEU A 261 27.52 -0.36 -1.86
N GLY A 262 27.99 -1.53 -1.46
CA GLY A 262 27.10 -2.47 -0.83
C GLY A 262 27.62 -3.10 0.43
N VAL A 263 26.70 -3.77 1.12
CA VAL A 263 26.97 -4.48 2.36
C VAL A 263 26.18 -5.79 2.28
N GLU A 264 26.83 -6.89 2.65
CA GLU A 264 26.20 -8.20 2.65
C GLU A 264 26.72 -9.02 3.84
N LEU A 265 25.79 -9.62 4.58
CA LEU A 265 26.14 -10.41 5.77
C LEU A 265 26.90 -11.69 5.46
N VAL A 266 26.29 -12.58 4.69
CA VAL A 266 26.90 -13.85 4.33
C VAL A 266 28.06 -13.70 3.37
N PRO A 267 29.30 -13.97 3.84
CA PRO A 267 30.48 -13.84 2.97
C PRO A 267 30.43 -14.68 1.69
N ARG A 268 29.71 -15.80 1.73
CA ARG A 268 29.63 -16.63 0.53
C ARG A 268 28.92 -15.87 -0.60
N TYR A 269 27.84 -15.18 -0.26
CA TYR A 269 27.09 -14.41 -1.26
C TYR A 269 27.90 -13.23 -1.77
N ALA A 270 28.74 -12.68 -0.90
CA ALA A 270 29.57 -11.56 -1.27
C ALA A 270 30.49 -11.96 -2.43
N GLN A 271 31.05 -13.16 -2.33
CA GLN A 271 31.96 -13.69 -3.35
C GLN A 271 31.23 -13.96 -4.66
N LEU A 272 30.04 -14.54 -4.57
CA LEU A 272 29.27 -14.86 -5.75
C LEU A 272 28.97 -13.59 -6.54
N ALA A 273 28.71 -12.51 -5.80
CA ALA A 273 28.41 -11.21 -6.38
C ALA A 273 29.59 -10.66 -7.18
N LYS A 274 30.79 -10.79 -6.64
CA LYS A 274 32.00 -10.30 -7.31
C LYS A 274 32.17 -10.96 -8.67
N GLU A 275 31.86 -12.25 -8.73
CA GLU A 275 31.98 -13.01 -9.97
C GLU A 275 30.85 -12.60 -10.91
N ARG A 276 29.66 -12.49 -10.35
CA ARG A 276 28.49 -12.07 -11.13
C ARG A 276 28.73 -10.65 -11.62
N PHE A 277 29.41 -9.87 -10.79
CA PHE A 277 29.74 -8.48 -11.11
C PHE A 277 30.71 -8.40 -12.27
N ALA A 278 31.76 -9.22 -12.21
CA ALA A 278 32.78 -9.25 -13.25
C ALA A 278 32.22 -9.69 -14.60
N ARG A 279 31.12 -10.43 -14.59
CA ARG A 279 30.50 -10.88 -15.82
C ARG A 279 29.60 -9.80 -16.41
N GLU A 280 28.74 -9.22 -15.57
CA GLU A 280 27.81 -8.18 -16.02
C GLU A 280 28.47 -6.82 -16.23
N VAL A 281 29.59 -6.59 -15.57
CA VAL A 281 30.30 -5.32 -15.73
C VAL A 281 31.64 -5.60 -16.40
N PRO A 282 31.64 -5.69 -17.74
CA PRO A 282 32.83 -5.97 -18.56
C PRO A 282 33.97 -4.98 -18.37
N GLY A 283 35.08 -5.48 -17.81
CA GLY A 283 36.23 -4.62 -17.60
C GLY A 283 36.45 -4.21 -16.16
N PHE A 284 35.37 -4.08 -15.39
CA PHE A 284 35.45 -3.67 -14.00
C PHE A 284 35.35 -4.83 -13.00
N SER A 285 35.72 -4.56 -11.76
CA SER A 285 35.69 -5.56 -10.70
C SER A 285 35.02 -5.01 -9.45
N LEU A 286 34.49 -5.92 -8.63
CA LEU A 286 33.81 -5.57 -7.40
C LEU A 286 34.73 -5.84 -6.23
N GLU A 287 35.20 -4.79 -5.57
CA GLU A 287 36.09 -4.96 -4.43
C GLU A 287 35.34 -5.40 -3.18
N VAL A 288 35.72 -6.56 -2.64
CA VAL A 288 35.09 -7.08 -1.44
C VAL A 288 36.04 -7.00 -0.26
N LEU A 289 35.53 -6.50 0.88
CA LEU A 289 36.33 -6.42 2.10
C LEU A 289 35.45 -6.89 3.25
N ASP A 290 36.03 -6.99 4.45
CA ASP A 290 35.29 -7.46 5.61
C ASP A 290 35.10 -6.39 6.69
N VAL B 21 -35.26 -4.13 4.39
CA VAL B 21 -35.19 -2.69 4.78
C VAL B 21 -33.77 -2.13 4.67
N HIS B 22 -33.64 -1.05 3.92
CA HIS B 22 -32.38 -0.37 3.75
C HIS B 22 -32.49 0.92 4.53
N ARG B 23 -31.53 1.15 5.42
CA ARG B 23 -31.57 2.34 6.26
C ARG B 23 -30.30 3.19 6.25
N LEU B 24 -30.50 4.50 6.36
CA LEU B 24 -29.39 5.44 6.40
C LEU B 24 -29.60 6.30 7.64
N HIS B 25 -28.69 6.19 8.61
CA HIS B 25 -28.77 6.96 9.84
C HIS B 25 -28.00 8.27 9.70
N VAL B 26 -28.69 9.39 9.90
CA VAL B 26 -28.04 10.69 9.81
C VAL B 26 -27.42 10.98 11.18
N GLY B 27 -26.09 10.99 11.22
CA GLY B 27 -25.40 11.24 12.47
C GLY B 27 -23.90 10.97 12.40
N ASP B 28 -23.30 10.88 13.58
CA ASP B 28 -21.87 10.64 13.71
C ASP B 28 -21.54 9.16 13.78
N ALA B 29 -20.73 8.71 12.82
CA ALA B 29 -20.31 7.32 12.70
C ALA B 29 -19.93 6.64 14.02
N ARG B 30 -19.18 7.34 14.86
CA ARG B 30 -18.76 6.77 16.14
C ARG B 30 -19.93 6.50 17.07
N GLU B 31 -20.72 7.53 17.32
CA GLU B 31 -21.87 7.43 18.22
C GLU B 31 -22.94 6.50 17.68
N VAL B 32 -23.36 6.69 16.44
CA VAL B 32 -24.40 5.87 15.85
C VAL B 32 -24.06 4.38 15.78
N LEU B 33 -22.86 4.03 15.38
CA LEU B 33 -22.49 2.61 15.29
C LEU B 33 -22.41 1.96 16.67
N ALA B 34 -22.10 2.76 17.68
CA ALA B 34 -21.98 2.25 19.05
C ALA B 34 -23.28 1.62 19.53
N SER B 35 -24.40 2.07 18.97
CA SER B 35 -25.71 1.54 19.37
C SER B 35 -26.11 0.22 18.72
N PHE B 36 -25.48 -0.13 17.60
CA PHE B 36 -25.82 -1.39 16.93
C PHE B 36 -25.27 -2.59 17.69
N PRO B 37 -25.97 -3.74 17.61
CA PRO B 37 -25.54 -4.96 18.30
C PRO B 37 -24.32 -5.61 17.68
N GLU B 38 -23.47 -6.21 18.52
CA GLU B 38 -22.28 -6.87 18.03
C GLU B 38 -22.62 -7.98 17.05
N ALA B 39 -21.65 -8.32 16.20
CA ALA B 39 -21.80 -9.39 15.22
C ALA B 39 -23.08 -9.35 14.38
N SER B 40 -23.51 -8.16 14.01
CA SER B 40 -24.72 -8.02 13.20
C SER B 40 -24.45 -7.51 11.77
N VAL B 41 -23.18 -7.38 11.41
CA VAL B 41 -22.82 -6.90 10.07
C VAL B 41 -21.91 -7.89 9.36
N HIS B 42 -22.18 -8.10 8.08
CA HIS B 42 -21.39 -9.05 7.30
C HIS B 42 -20.29 -8.41 6.45
N LEU B 43 -20.55 -7.20 5.96
CA LEU B 43 -19.57 -6.55 5.11
C LEU B 43 -19.63 -5.04 5.22
N VAL B 44 -18.45 -4.42 5.32
CA VAL B 44 -18.37 -2.97 5.35
C VAL B 44 -17.54 -2.45 4.17
N VAL B 45 -18.16 -1.62 3.32
CA VAL B 45 -17.43 -1.01 2.21
C VAL B 45 -17.57 0.49 2.41
N THR B 46 -16.44 1.19 2.43
CA THR B 46 -16.49 2.62 2.65
C THR B 46 -15.20 3.33 2.24
N SER B 47 -15.27 4.65 2.25
CA SER B 47 -14.15 5.49 1.90
C SER B 47 -14.09 6.55 3.00
N PRO B 48 -12.99 6.59 3.77
CA PRO B 48 -12.91 7.58 4.83
C PRO B 48 -13.05 9.00 4.32
N PRO B 49 -13.49 9.92 5.19
CA PRO B 49 -13.67 11.33 4.84
C PRO B 49 -12.39 12.07 4.46
N TYR B 50 -12.55 13.09 3.63
CA TYR B 50 -11.48 13.94 3.12
C TYR B 50 -10.50 14.42 4.20
N TRP B 51 -9.21 14.18 3.99
CA TRP B 51 -8.20 14.63 4.94
C TRP B 51 -7.52 15.90 4.45
N THR B 52 -7.71 16.99 5.18
CA THR B 52 -7.11 18.27 4.80
C THR B 52 -6.32 18.89 5.96
N LEU B 53 -5.14 19.42 5.65
CA LEU B 53 -4.28 20.04 6.65
C LEU B 53 -4.40 21.57 6.66
N GLY B 64 3.56 18.97 14.28
CA GLY B 64 2.61 19.99 13.85
C GLY B 64 1.54 19.41 12.94
N HIS B 65 1.88 19.25 11.67
CA HIS B 65 0.93 18.69 10.70
C HIS B 65 0.79 17.18 10.90
N ILE B 66 1.84 16.55 11.38
CA ILE B 66 1.77 15.12 11.63
C ILE B 66 0.75 14.88 12.72
N GLU B 67 0.63 15.83 13.64
CA GLU B 67 -0.34 15.73 14.74
C GLU B 67 -1.76 15.79 14.19
N ASP B 68 -2.03 16.82 13.40
CA ASP B 68 -3.35 16.97 12.79
C ASP B 68 -3.67 15.63 12.12
N TYR B 69 -2.64 15.05 11.51
CA TYR B 69 -2.73 13.77 10.82
C TYR B 69 -2.94 12.60 11.77
N GLU B 70 -2.03 12.44 12.73
CA GLU B 70 -2.14 11.34 13.70
C GLU B 70 -3.49 11.43 14.43
N ALA B 71 -3.96 12.65 14.67
CA ALA B 71 -5.24 12.85 15.34
C ALA B 71 -6.39 12.38 14.45
N PHE B 72 -6.31 12.70 13.16
CA PHE B 72 -7.35 12.28 12.22
C PHE B 72 -7.38 10.75 12.24
N LEU B 73 -6.21 10.14 12.25
CA LEU B 73 -6.10 8.69 12.29
C LEU B 73 -6.79 8.15 13.54
N ASP B 74 -6.58 8.85 14.65
CA ASP B 74 -7.18 8.45 15.92
C ASP B 74 -8.70 8.48 15.83
N GLU B 75 -9.22 9.47 15.11
CA GLU B 75 -10.67 9.58 14.92
C GLU B 75 -11.14 8.36 14.13
N LEU B 76 -10.46 8.07 13.03
CA LEU B 76 -10.81 6.93 12.19
C LEU B 76 -10.78 5.60 12.95
N ASP B 77 -9.83 5.44 13.85
CA ASP B 77 -9.72 4.21 14.62
C ASP B 77 -10.96 3.94 15.46
N ARG B 78 -11.60 5.00 15.94
CA ARG B 78 -12.79 4.88 16.77
C ARG B 78 -13.94 4.33 15.94
N VAL B 79 -13.84 4.46 14.63
CA VAL B 79 -14.88 3.94 13.76
C VAL B 79 -14.56 2.49 13.42
N TRP B 80 -13.30 2.22 13.13
CA TRP B 80 -12.88 0.85 12.81
C TRP B 80 -13.17 -0.06 14.05
N ARG B 81 -12.94 0.46 15.26
CA ARG B 81 -13.19 -0.30 16.50
C ARG B 81 -14.64 -0.78 16.56
N GLU B 82 -15.57 0.11 16.24
CA GLU B 82 -16.97 -0.25 16.24
C GLU B 82 -17.23 -1.27 15.12
N VAL B 83 -16.57 -1.09 13.98
CA VAL B 83 -16.76 -2.01 12.87
C VAL B 83 -16.35 -3.42 13.28
N PHE B 84 -15.18 -3.53 13.91
CA PHE B 84 -14.68 -4.82 14.33
C PHE B 84 -15.64 -5.56 15.25
N ARG B 85 -16.39 -4.80 16.03
CA ARG B 85 -17.35 -5.37 16.95
C ARG B 85 -18.63 -5.70 16.19
N LEU B 86 -19.05 -4.78 15.32
CA LEU B 86 -20.27 -4.96 14.53
C LEU B 86 -20.19 -6.07 13.51
N LEU B 87 -18.97 -6.43 13.13
CA LEU B 87 -18.75 -7.46 12.11
C LEU B 87 -18.85 -8.88 12.67
N VAL B 88 -19.49 -9.78 11.91
CA VAL B 88 -19.60 -11.17 12.32
C VAL B 88 -18.26 -11.81 11.97
N PRO B 89 -17.84 -12.82 12.74
CA PRO B 89 -16.57 -13.50 12.47
C PRO B 89 -16.47 -13.88 11.00
N GLY B 90 -15.33 -13.57 10.41
CA GLY B 90 -15.15 -13.88 8.99
C GLY B 90 -15.59 -12.74 8.09
N GLY B 91 -16.30 -11.76 8.64
CA GLY B 91 -16.75 -10.64 7.83
C GLY B 91 -15.57 -9.70 7.61
N ARG B 92 -15.73 -8.67 6.79
CA ARG B 92 -14.60 -7.78 6.59
C ARG B 92 -14.90 -6.31 6.39
N LEU B 93 -13.86 -5.54 6.63
CA LEU B 93 -13.88 -4.11 6.49
C LEU B 93 -13.07 -3.75 5.24
N VAL B 94 -13.74 -3.19 4.23
CA VAL B 94 -13.09 -2.79 2.99
C VAL B 94 -13.04 -1.26 2.97
N ILE B 95 -11.83 -0.72 2.85
CA ILE B 95 -11.60 0.73 2.87
C ILE B 95 -10.90 1.21 1.60
N VAL B 96 -11.56 2.09 0.85
CA VAL B 96 -10.94 2.62 -0.38
C VAL B 96 -10.35 3.98 -0.08
N VAL B 97 -9.02 4.05 -0.10
CA VAL B 97 -8.32 5.30 0.19
C VAL B 97 -7.19 5.59 -0.76
N GLY B 98 -7.02 6.87 -1.06
CA GLY B 98 -5.92 7.28 -1.92
C GLY B 98 -5.01 8.05 -0.99
N ASP B 99 -3.71 7.92 -1.16
CA ASP B 99 -2.81 8.66 -0.28
C ASP B 99 -2.86 10.16 -0.59
N VAL B 100 -2.94 10.95 0.48
CA VAL B 100 -3.05 12.40 0.37
C VAL B 100 -1.74 13.12 0.08
N ALA B 101 -1.56 13.51 -1.19
CA ALA B 101 -0.37 14.22 -1.61
C ALA B 101 -0.66 15.72 -1.50
N VAL B 102 0.13 16.42 -0.70
CA VAL B 102 -0.03 17.86 -0.51
C VAL B 102 1.32 18.54 -0.76
N ALA B 103 1.87 18.26 -1.94
CA ALA B 103 3.16 18.77 -2.39
C ALA B 103 3.30 20.27 -2.58
N ARG B 104 4.51 20.77 -2.34
CA ARG B 104 4.86 22.18 -2.49
C ARG B 104 3.98 23.13 -1.67
N ARG B 105 3.02 22.55 -0.94
CA ARG B 105 2.13 23.34 -0.10
C ARG B 105 2.87 23.95 1.07
N ARG B 106 2.59 23.43 2.27
CA ARG B 106 3.22 23.93 3.49
C ARG B 106 4.72 24.19 3.37
N PHE B 107 5.53 23.14 3.48
CA PHE B 107 6.97 23.31 3.37
C PHE B 107 7.32 23.62 1.92
N GLY B 108 8.62 23.57 1.61
CA GLY B 108 9.06 23.85 0.25
C GLY B 108 9.39 22.56 -0.46
N ARG B 109 8.56 21.54 -0.26
CA ARG B 109 8.79 20.25 -0.89
C ARG B 109 7.53 19.43 -1.07
N HIS B 110 7.62 18.49 -1.99
CA HIS B 110 6.52 17.57 -2.29
C HIS B 110 6.63 16.35 -1.38
N LEU B 111 5.47 15.86 -0.95
CA LEU B 111 5.44 14.66 -0.12
C LEU B 111 4.02 14.11 -0.14
N VAL B 112 3.89 12.89 0.34
CA VAL B 112 2.59 12.23 0.38
C VAL B 112 2.37 11.55 1.71
N PHE B 113 1.19 11.77 2.28
CA PHE B 113 0.81 11.14 3.54
C PHE B 113 0.32 9.74 3.15
N PRO B 114 1.01 8.69 3.63
CA PRO B 114 0.62 7.31 3.32
C PRO B 114 -0.63 6.84 4.05
N LEU B 115 -1.73 7.57 3.87
CA LEU B 115 -2.98 7.24 4.53
C LEU B 115 -3.30 5.74 4.53
N HIS B 116 -3.17 5.10 3.37
CA HIS B 116 -3.49 3.68 3.27
C HIS B 116 -2.61 2.83 4.17
N ALA B 117 -1.34 3.19 4.27
CA ALA B 117 -0.40 2.42 5.08
C ALA B 117 -0.70 2.59 6.58
N ASP B 118 -0.97 3.81 6.99
CA ASP B 118 -1.30 4.09 8.38
C ASP B 118 -2.57 3.39 8.81
N ILE B 119 -3.55 3.33 7.90
CA ILE B 119 -4.80 2.67 8.24
C ILE B 119 -4.56 1.17 8.36
N GLN B 120 -3.71 0.61 7.51
CA GLN B 120 -3.42 -0.82 7.56
C GLN B 120 -2.75 -1.20 8.87
N VAL B 121 -1.72 -0.44 9.28
CA VAL B 121 -1.03 -0.73 10.52
C VAL B 121 -1.99 -0.65 11.70
N ARG B 122 -2.71 0.46 11.80
CA ARG B 122 -3.65 0.66 12.88
C ARG B 122 -4.81 -0.33 12.96
N CYS B 123 -5.15 -1.00 11.87
CA CYS B 123 -6.24 -1.96 11.91
C CYS B 123 -5.80 -3.26 12.57
N ARG B 124 -4.50 -3.54 12.51
CA ARG B 124 -3.96 -4.76 13.10
C ARG B 124 -4.04 -4.61 14.62
N LYS B 125 -3.57 -3.47 15.11
CA LYS B 125 -3.59 -3.18 16.54
C LYS B 125 -5.00 -3.30 17.07
N LEU B 126 -5.98 -3.21 16.18
CA LEU B 126 -7.37 -3.32 16.58
C LEU B 126 -7.86 -4.77 16.51
N GLY B 127 -6.99 -5.68 16.07
CA GLY B 127 -7.38 -7.07 16.00
C GLY B 127 -7.65 -7.64 14.62
N PHE B 128 -7.78 -6.79 13.60
CA PHE B 128 -8.05 -7.24 12.24
C PHE B 128 -6.94 -8.09 11.64
N ASP B 129 -7.34 -9.02 10.78
CA ASP B 129 -6.39 -9.86 10.06
C ASP B 129 -6.20 -9.11 8.74
N ASN B 130 -4.96 -8.81 8.39
CA ASN B 130 -4.73 -8.11 7.15
C ASN B 130 -4.73 -9.06 5.96
N LEU B 131 -5.48 -8.68 4.93
CA LEU B 131 -5.56 -9.44 3.70
C LEU B 131 -4.91 -8.56 2.61
N ASN B 132 -4.61 -9.18 1.47
CA ASN B 132 -4.00 -8.40 0.39
C ASN B 132 -4.95 -7.35 -0.17
N PRO B 133 -4.45 -6.14 -0.38
CA PRO B 133 -5.33 -5.11 -0.92
C PRO B 133 -5.46 -5.25 -2.44
N ILE B 134 -6.44 -4.58 -2.99
CA ILE B 134 -6.64 -4.57 -4.44
C ILE B 134 -6.23 -3.16 -4.83
N ILE B 135 -5.48 -3.05 -5.93
CA ILE B 135 -5.05 -1.75 -6.41
C ILE B 135 -6.04 -1.24 -7.44
N TRP B 136 -6.67 -0.12 -7.17
CA TRP B 136 -7.58 0.46 -8.12
C TRP B 136 -6.76 1.44 -8.97
N HIS B 137 -6.48 1.02 -10.20
CA HIS B 137 -5.74 1.89 -11.11
C HIS B 137 -6.80 2.86 -11.62
N LYS B 138 -7.02 3.90 -10.85
CA LYS B 138 -8.01 4.91 -11.13
C LYS B 138 -7.72 5.70 -12.40
N HIS B 139 -6.54 6.31 -12.47
CA HIS B 139 -6.14 7.12 -13.62
C HIS B 139 -5.09 6.44 -14.50
N THR B 140 -5.57 5.87 -15.61
CA THR B 140 -4.69 5.17 -16.55
C THR B 140 -4.17 6.16 -17.58
N PRO B 156 12.44 18.45 -19.80
CA PRO B 156 13.57 18.00 -18.98
C PRO B 156 13.98 16.55 -19.26
N TYR B 157 13.25 15.61 -18.67
CA TYR B 157 13.54 14.18 -18.83
C TYR B 157 14.77 13.79 -17.99
N GLU B 158 14.89 14.41 -16.83
CA GLU B 158 16.02 14.13 -15.95
C GLU B 158 15.58 13.39 -14.69
N PRO B 159 16.55 12.86 -13.94
CA PRO B 159 16.26 12.12 -12.70
C PRO B 159 15.53 12.97 -11.68
N GLY B 160 14.87 12.30 -10.74
CA GLY B 160 14.15 12.99 -9.69
C GLY B 160 12.73 13.43 -9.96
N ALA B 161 12.22 13.24 -11.17
CA ALA B 161 10.86 13.65 -11.49
C ALA B 161 9.83 13.03 -10.54
N ILE B 162 8.75 13.76 -10.29
CA ILE B 162 7.68 13.29 -9.43
C ILE B 162 6.74 12.44 -10.25
N ILE B 163 6.30 11.32 -9.69
CA ILE B 163 5.35 10.45 -10.38
C ILE B 163 3.96 10.82 -9.87
N LYS B 164 3.04 11.14 -10.80
CA LYS B 164 1.69 11.53 -10.40
C LYS B 164 0.82 10.36 -9.95
N THR B 165 -0.02 10.61 -8.95
CA THR B 165 -0.90 9.58 -8.43
C THR B 165 -1.84 8.98 -9.47
N GLU B 166 -1.76 7.67 -9.62
CA GLU B 166 -2.64 6.97 -10.56
C GLU B 166 -3.53 6.00 -9.82
N ILE B 167 -3.15 5.65 -8.61
CA ILE B 167 -3.91 4.64 -7.87
C ILE B 167 -4.53 5.03 -6.54
N GLU B 168 -5.43 4.16 -6.11
CA GLU B 168 -6.10 4.26 -4.82
C GLU B 168 -6.00 2.86 -4.28
N TYR B 169 -6.12 2.72 -2.96
CA TYR B 169 -5.99 1.42 -2.33
C TYR B 169 -7.30 0.86 -1.83
N ILE B 170 -7.51 -0.43 -2.05
CA ILE B 170 -8.71 -1.05 -1.55
C ILE B 170 -8.24 -2.03 -0.48
N LEU B 171 -8.18 -1.51 0.75
CA LEU B 171 -7.72 -2.25 1.92
C LEU B 171 -8.74 -3.28 2.37
N MET B 172 -8.25 -4.48 2.73
CA MET B 172 -9.11 -5.57 3.17
C MET B 172 -8.74 -6.04 4.59
N GLN B 173 -9.64 -5.78 5.54
CA GLN B 173 -9.42 -6.16 6.91
C GLN B 173 -10.48 -7.16 7.36
N ARG B 174 -10.05 -8.39 7.58
CA ARG B 174 -10.92 -9.49 7.96
C ARG B 174 -10.94 -9.71 9.48
N LYS B 175 -12.14 -9.88 10.03
CA LYS B 175 -12.29 -10.14 11.45
C LYS B 175 -12.15 -11.64 11.67
N PRO B 176 -11.14 -12.05 12.44
CA PRO B 176 -10.94 -13.48 12.70
C PRO B 176 -12.09 -14.02 13.53
N GLY B 177 -12.26 -15.33 13.55
CA GLY B 177 -13.34 -15.90 14.35
C GLY B 177 -13.95 -17.12 13.70
N GLY B 178 -13.41 -17.50 12.54
CA GLY B 178 -13.93 -18.66 11.85
C GLY B 178 -14.52 -18.30 10.51
N TYR B 179 -14.70 -19.30 9.66
CA TYR B 179 -15.27 -19.11 8.35
C TYR B 179 -16.67 -18.53 8.40
N ARG B 180 -17.32 -18.48 7.25
CA ARG B 180 -18.67 -17.95 7.12
C ARG B 180 -19.63 -19.12 6.95
N LYS B 181 -20.93 -18.87 7.17
CA LYS B 181 -21.95 -19.91 7.05
C LYS B 181 -23.20 -19.43 6.32
N PRO B 182 -23.26 -19.64 5.00
CA PRO B 182 -24.42 -19.22 4.19
C PRO B 182 -25.35 -20.39 3.84
N THR B 183 -26.61 -20.09 3.56
CA THR B 183 -27.57 -21.13 3.20
C THR B 183 -27.25 -21.61 1.78
N GLN B 184 -27.93 -22.65 1.34
CA GLN B 184 -27.68 -23.20 0.01
C GLN B 184 -28.18 -22.22 -1.06
N GLU B 185 -29.27 -21.53 -0.75
CA GLU B 185 -29.85 -20.57 -1.66
C GLU B 185 -28.96 -19.34 -1.76
N GLN B 186 -28.26 -19.04 -0.67
CA GLN B 186 -27.37 -17.89 -0.66
C GLN B 186 -26.17 -18.19 -1.56
N ARG B 187 -25.67 -19.42 -1.50
CA ARG B 187 -24.54 -19.79 -2.33
C ARG B 187 -24.97 -19.81 -3.80
N GLU B 188 -26.10 -20.45 -4.08
CA GLU B 188 -26.59 -20.54 -5.46
C GLU B 188 -26.83 -19.16 -6.06
N LYS B 189 -27.34 -18.24 -5.26
CA LYS B 189 -27.65 -16.90 -5.75
C LYS B 189 -26.52 -15.87 -5.65
N SER B 190 -25.44 -16.23 -4.97
CA SER B 190 -24.30 -15.33 -4.85
C SER B 190 -23.15 -15.82 -5.71
N ARG B 191 -23.22 -17.10 -6.11
CA ARG B 191 -22.19 -17.69 -6.94
C ARG B 191 -21.95 -16.79 -8.16
N LEU B 192 -20.69 -16.44 -8.39
CA LEU B 192 -20.35 -15.58 -9.51
C LEU B 192 -20.01 -16.38 -10.75
N PRO B 193 -20.48 -15.92 -11.93
CA PRO B 193 -20.20 -16.60 -13.20
C PRO B 193 -18.69 -16.63 -13.35
N LYS B 194 -18.17 -17.62 -14.05
CA LYS B 194 -16.73 -17.75 -14.25
C LYS B 194 -16.06 -16.46 -14.76
N GLU B 195 -16.60 -15.88 -15.83
CA GLU B 195 -16.01 -14.67 -16.39
C GLU B 195 -15.87 -13.55 -15.37
N ASP B 196 -16.95 -13.27 -14.64
CA ASP B 196 -16.90 -12.22 -13.64
C ASP B 196 -15.90 -12.53 -12.55
N PHE B 197 -15.94 -13.74 -12.03
CA PHE B 197 -15.03 -14.15 -10.97
C PHE B 197 -13.56 -13.80 -11.29
N HIS B 198 -13.11 -14.15 -12.50
CA HIS B 198 -11.73 -13.88 -12.90
C HIS B 198 -11.48 -12.41 -13.22
N ARG B 199 -12.54 -11.65 -13.44
CA ARG B 199 -12.39 -10.22 -13.71
C ARG B 199 -12.33 -9.49 -12.37
N PHE B 200 -13.02 -10.01 -11.37
CA PHE B 200 -13.03 -9.37 -10.06
C PHE B 200 -11.90 -9.83 -9.13
N PHE B 201 -11.67 -11.13 -9.05
CA PHE B 201 -10.63 -11.62 -8.16
C PHE B 201 -9.20 -11.56 -8.70
N ARG B 202 -8.69 -10.35 -8.84
CA ARG B 202 -7.33 -10.12 -9.30
C ARG B 202 -6.86 -8.94 -8.45
N GLN B 203 -5.55 -8.76 -8.31
CA GLN B 203 -5.07 -7.70 -7.45
C GLN B 203 -5.14 -6.27 -8.01
N ILE B 204 -5.26 -6.13 -9.33
CA ILE B 204 -5.35 -4.80 -9.91
C ILE B 204 -6.59 -4.61 -10.77
N TRP B 205 -7.31 -3.52 -10.52
CA TRP B 205 -8.51 -3.17 -11.27
C TRP B 205 -8.17 -1.93 -12.10
N ASP B 206 -8.20 -2.07 -13.41
CA ASP B 206 -7.87 -0.96 -14.30
C ASP B 206 -8.99 -0.68 -15.29
N ASP B 207 -10.10 -1.36 -15.12
CA ASP B 207 -11.25 -1.20 -16.01
C ASP B 207 -12.35 -0.30 -15.46
N ILE B 208 -12.09 0.36 -14.34
CA ILE B 208 -13.09 1.25 -13.75
C ILE B 208 -12.50 2.64 -13.59
N PRO B 209 -12.78 3.53 -14.55
CA PRO B 209 -12.29 4.91 -14.56
C PRO B 209 -12.71 5.75 -13.36
N GLY B 210 -11.79 6.58 -12.89
CA GLY B 210 -12.05 7.44 -11.75
C GLY B 210 -13.18 8.43 -11.96
N GLU B 211 -13.78 8.87 -10.86
CA GLU B 211 -14.90 9.81 -10.86
C GLU B 211 -16.20 9.17 -11.33
N ALA B 218 -18.08 11.80 -4.46
CA ALA B 218 -18.18 10.36 -4.31
C ALA B 218 -16.87 9.71 -4.69
N PRO B 219 -16.01 9.45 -3.70
CA PRO B 219 -14.69 8.83 -3.89
C PRO B 219 -14.66 7.61 -4.79
N PHE B 220 -15.84 7.03 -5.09
CA PHE B 220 -15.85 5.86 -5.95
C PHE B 220 -17.13 5.55 -6.71
N PRO B 221 -16.99 4.98 -7.91
CA PRO B 221 -18.07 4.59 -8.83
C PRO B 221 -18.95 3.47 -8.27
N LEU B 222 -20.17 3.38 -8.79
CA LEU B 222 -21.13 2.38 -8.39
C LEU B 222 -20.59 1.00 -8.76
N GLU B 223 -19.92 0.93 -9.91
CA GLU B 223 -19.38 -0.34 -10.39
C GLU B 223 -18.36 -0.95 -9.43
N LEU B 224 -17.54 -0.10 -8.81
CA LEU B 224 -16.51 -0.57 -7.86
C LEU B 224 -17.18 -1.05 -6.57
N ALA B 225 -18.27 -0.40 -6.20
CA ALA B 225 -18.95 -0.79 -4.98
C ALA B 225 -19.71 -2.10 -5.24
N GLU B 226 -20.44 -2.17 -6.34
CA GLU B 226 -21.20 -3.37 -6.67
C GLU B 226 -20.26 -4.55 -6.80
N ARG B 227 -19.06 -4.29 -7.27
CA ARG B 227 -18.09 -5.35 -7.45
C ARG B 227 -17.70 -5.90 -6.08
N LEU B 228 -17.37 -5.01 -5.15
CA LEU B 228 -16.98 -5.42 -3.82
C LEU B 228 -18.10 -6.18 -3.09
N VAL B 229 -19.34 -5.70 -3.26
CA VAL B 229 -20.50 -6.33 -2.64
C VAL B 229 -20.69 -7.78 -3.11
N ARG B 230 -20.56 -8.02 -4.41
CA ARG B 230 -20.72 -9.37 -4.95
C ARG B 230 -19.60 -10.30 -4.52
N MET B 231 -18.41 -9.75 -4.33
CA MET B 231 -17.25 -10.52 -3.94
C MET B 231 -17.19 -10.90 -2.46
N PHE B 232 -17.62 -10.00 -1.59
CA PHE B 232 -17.48 -10.26 -0.17
C PHE B 232 -18.71 -10.24 0.72
N SER B 233 -19.84 -10.65 0.18
CA SER B 233 -21.07 -10.74 0.95
C SER B 233 -22.02 -11.65 0.18
N PHE B 234 -23.07 -12.09 0.83
CA PHE B 234 -24.05 -12.96 0.20
C PHE B 234 -25.39 -12.25 0.10
N VAL B 235 -26.21 -12.66 -0.86
CA VAL B 235 -27.54 -12.10 -1.02
C VAL B 235 -28.22 -12.25 0.35
N GLY B 236 -28.73 -11.15 0.88
CA GLY B 236 -29.39 -11.22 2.18
C GLY B 236 -28.57 -10.64 3.34
N ASP B 237 -27.25 -10.54 3.15
CA ASP B 237 -26.40 -10.00 4.21
C ASP B 237 -26.58 -8.51 4.42
N VAL B 238 -25.93 -8.02 5.46
CA VAL B 238 -25.98 -6.61 5.80
C VAL B 238 -24.67 -5.95 5.39
N VAL B 239 -24.77 -4.94 4.54
CA VAL B 239 -23.59 -4.23 4.08
C VAL B 239 -23.55 -2.86 4.76
N LEU B 240 -22.42 -2.52 5.36
CA LEU B 240 -22.31 -1.26 6.07
C LEU B 240 -21.32 -0.26 5.47
N ASP B 241 -21.70 1.02 5.50
CA ASP B 241 -20.84 2.10 5.07
C ASP B 241 -21.10 3.20 6.09
N PRO B 242 -20.16 3.40 7.05
CA PRO B 242 -20.34 4.43 8.07
C PRO B 242 -20.18 5.85 7.53
N PHE B 243 -19.67 5.97 6.31
CA PHE B 243 -19.46 7.27 5.67
C PHE B 243 -20.14 7.26 4.32
N ALA B 244 -21.45 7.02 4.33
CA ALA B 244 -22.24 6.90 3.12
C ALA B 244 -22.27 8.02 2.09
N GLY B 245 -22.16 9.27 2.52
CA GLY B 245 -22.20 10.35 1.55
C GLY B 245 -23.46 10.25 0.68
N THR B 246 -23.30 10.12 -0.63
CA THR B 246 -24.46 10.01 -1.51
C THR B 246 -24.98 8.59 -1.58
N GLY B 247 -24.45 7.72 -0.73
CA GLY B 247 -24.91 6.35 -0.66
C GLY B 247 -24.55 5.33 -1.74
N THR B 248 -23.44 5.52 -2.45
CA THR B 248 -23.04 4.57 -3.49
C THR B 248 -23.00 3.14 -2.96
N THR B 249 -22.41 2.95 -1.78
CA THR B 249 -22.33 1.61 -1.19
C THR B 249 -23.71 1.07 -0.91
N LEU B 250 -24.57 1.92 -0.36
CA LEU B 250 -25.93 1.51 -0.04
C LEU B 250 -26.63 1.07 -1.32
N ILE B 251 -26.58 1.91 -2.34
CA ILE B 251 -27.21 1.60 -3.62
C ILE B 251 -26.67 0.28 -4.20
N ALA B 252 -25.34 0.12 -4.18
CA ALA B 252 -24.68 -1.08 -4.69
C ALA B 252 -25.16 -2.33 -3.95
N ALA B 253 -25.34 -2.21 -2.64
CA ALA B 253 -25.80 -3.35 -1.86
C ALA B 253 -27.23 -3.70 -2.26
N ALA B 254 -28.11 -2.71 -2.30
CA ALA B 254 -29.51 -2.93 -2.66
C ALA B 254 -29.71 -3.50 -4.06
N ARG B 255 -29.04 -2.94 -5.06
CA ARG B 255 -29.21 -3.43 -6.42
C ARG B 255 -28.87 -4.91 -6.53
N TRP B 256 -28.11 -5.42 -5.55
CA TRP B 256 -27.74 -6.83 -5.58
C TRP B 256 -28.32 -7.74 -4.51
N GLY B 257 -29.49 -7.37 -4.00
CA GLY B 257 -30.15 -8.19 -3.01
C GLY B 257 -29.55 -8.28 -1.62
N ARG B 258 -28.74 -7.29 -1.24
CA ARG B 258 -28.14 -7.26 0.09
C ARG B 258 -28.86 -6.17 0.88
N ARG B 259 -28.89 -6.30 2.21
CA ARG B 259 -29.52 -5.28 3.04
C ARG B 259 -28.56 -4.11 3.23
N ALA B 260 -29.02 -2.90 2.94
CA ALA B 260 -28.18 -1.71 3.09
C ALA B 260 -28.29 -1.03 4.45
N LEU B 261 -27.14 -0.58 4.94
CA LEU B 261 -27.07 0.10 6.22
C LEU B 261 -25.99 1.18 6.13
N GLY B 262 -26.28 2.36 6.66
CA GLY B 262 -25.29 3.42 6.60
C GLY B 262 -25.44 4.62 7.53
N VAL B 263 -24.33 5.32 7.72
CA VAL B 263 -24.29 6.51 8.56
C VAL B 263 -23.76 7.66 7.70
N GLU B 264 -24.27 8.86 7.93
CA GLU B 264 -23.84 10.04 7.17
C GLU B 264 -24.10 11.28 8.01
N LEU B 265 -23.03 11.99 8.33
CA LEU B 265 -23.10 13.18 9.17
C LEU B 265 -23.93 14.32 8.58
N VAL B 266 -23.80 14.53 7.28
CA VAL B 266 -24.50 15.63 6.64
C VAL B 266 -25.88 15.28 6.08
N PRO B 267 -26.94 15.79 6.74
CA PRO B 267 -28.33 15.56 6.34
C PRO B 267 -28.56 15.88 4.87
N ARG B 268 -27.86 16.91 4.37
CA ARG B 268 -28.03 17.29 2.98
C ARG B 268 -27.57 16.16 2.05
N TYR B 269 -26.51 15.47 2.45
CA TYR B 269 -25.97 14.36 1.66
C TYR B 269 -26.90 13.16 1.79
N ALA B 270 -27.36 12.89 3.01
CA ALA B 270 -28.26 11.76 3.23
C ALA B 270 -29.50 11.93 2.35
N GLN B 271 -29.99 13.16 2.24
CA GLN B 271 -31.17 13.42 1.43
C GLN B 271 -30.85 13.23 -0.05
N LEU B 272 -29.63 13.57 -0.44
CA LEU B 272 -29.22 13.38 -1.82
C LEU B 272 -29.15 11.88 -1.99
N ALA B 273 -28.69 11.20 -0.96
CA ALA B 273 -28.60 9.74 -0.97
C ALA B 273 -30.00 9.13 -1.13
N LYS B 274 -30.96 9.59 -0.33
CA LYS B 274 -32.32 9.07 -0.41
C LYS B 274 -32.89 9.17 -1.83
N GLU B 275 -32.73 10.34 -2.44
CA GLU B 275 -33.22 10.60 -3.80
C GLU B 275 -32.46 9.83 -4.86
N ARG B 276 -31.14 9.80 -4.74
CA ARG B 276 -30.34 9.07 -5.72
C ARG B 276 -30.69 7.59 -5.65
N PHE B 277 -30.76 7.08 -4.41
CA PHE B 277 -31.12 5.69 -4.14
C PHE B 277 -32.39 5.35 -4.90
N ALA B 278 -33.48 6.06 -4.55
CA ALA B 278 -34.79 5.87 -5.16
C ALA B 278 -34.73 5.89 -6.68
N ARG B 279 -33.83 6.69 -7.21
CA ARG B 279 -33.66 6.82 -8.64
C ARG B 279 -33.01 5.56 -9.21
N GLU B 280 -31.92 5.13 -8.58
CA GLU B 280 -31.17 3.96 -9.03
C GLU B 280 -31.57 2.61 -8.42
N VAL B 281 -32.60 2.61 -7.58
CA VAL B 281 -33.05 1.37 -6.96
C VAL B 281 -34.57 1.26 -7.09
N PRO B 282 -35.07 1.07 -8.32
CA PRO B 282 -36.51 0.95 -8.59
C PRO B 282 -37.22 -0.11 -7.76
N GLY B 283 -38.35 0.26 -7.18
CA GLY B 283 -39.12 -0.67 -6.37
C GLY B 283 -38.78 -0.54 -4.90
N PHE B 284 -37.68 0.14 -4.58
CA PHE B 284 -37.26 0.30 -3.20
C PHE B 284 -36.91 1.74 -2.84
N SER B 285 -36.92 2.03 -1.54
CA SER B 285 -36.60 3.36 -1.05
C SER B 285 -35.65 3.29 0.13
N LEU B 286 -34.90 4.36 0.32
CA LEU B 286 -33.94 4.40 1.41
C LEU B 286 -34.54 5.17 2.59
N GLU B 287 -34.69 4.48 3.71
CA GLU B 287 -35.25 5.09 4.91
C GLU B 287 -34.17 5.87 5.67
N VAL B 288 -34.36 7.18 5.80
CA VAL B 288 -33.39 8.02 6.51
C VAL B 288 -33.85 8.29 7.95
N LEU B 289 -33.01 7.91 8.91
CA LEU B 289 -33.35 8.08 10.32
C LEU B 289 -32.57 9.14 11.07
N ASP B 290 -33.20 10.30 11.31
CA ASP B 290 -32.56 11.38 12.05
C ASP B 290 -32.50 10.97 13.52
N GLY B 291 -33.54 10.30 13.97
CA GLY B 291 -33.63 9.86 15.36
C GLY B 291 -34.77 10.56 16.06
N ALA B 292 -35.53 11.34 15.28
CA ALA B 292 -36.67 12.10 15.79
C ALA B 292 -37.59 11.25 16.66
N THR B 293 -38.34 11.92 17.53
CA THR B 293 -39.28 11.27 18.44
C THR B 293 -40.50 12.17 18.59
N HIS B 294 -41.31 11.92 19.61
CA HIS B 294 -42.50 12.71 19.91
C HIS B 294 -43.77 12.29 19.14
#